data_3HOI
#
_entry.id   3HOI
#
_cell.length_a   48.873
_cell.length_b   48.873
_cell.length_c   295.194
_cell.angle_alpha   90.000
_cell.angle_beta   90.000
_cell.angle_gamma   120.000
#
_symmetry.space_group_name_H-M   'P 61 2 2'
#
loop_
_entity.id
_entity.type
_entity.pdbx_description
1 polymer 'FMN-dependent nitroreductase BF3017'
2 non-polymer 'FLAVIN MONONUCLEOTIDE'
3 non-polymer 'UNKNOWN LIGAND'
4 non-polymer 'SULFATE ION'
5 non-polymer 'CITRATE ANION'
6 non-polymer DI(HYDROXYETHYL)ETHER
7 water water
#
_entity_poly.entity_id   1
_entity_poly.type   'polypeptide(L)'
_entity_poly.pdbx_seq_one_letter_code
;GAERTIQLPKPD(MSE)NRAGLL(MSE)KALSERHSTREYASKALSNTDLSDLLWAANGINRSSEGKRTAPSA(MSE)NR
QDIDIYVVLPQGTYLYDAKGHKLNLISEGDHRSAVAGGQAFVNNAPVSLVLVSDLSKLGDAKSNHVQL(MSE)GA(MSE)
DAGIVSQNISLFCSAARLATVPRAS(MSE)DLVRLKAALKLKDTQ(MSE)P(MSE)(MSE)NHPVGYFK
;
_entity_poly.pdbx_strand_id   A
#
# COMPACT_ATOMS: atom_id res chain seq x y z
N GLY A 1 -9.66 -20.56 7.21
CA GLY A 1 -9.68 -19.07 7.19
C GLY A 1 -8.45 -18.52 6.48
N ALA A 2 -8.18 -17.23 6.64
CA ALA A 2 -7.13 -16.53 5.96
C ALA A 2 -5.76 -17.05 6.41
N GLU A 3 -4.83 -17.24 5.44
CA GLU A 3 -3.42 -17.51 5.75
C GLU A 3 -2.86 -16.47 6.70
N ARG A 4 -2.11 -16.89 7.70
N ARG A 4 -2.14 -16.88 7.73
CA ARG A 4 -1.52 -15.91 8.60
CA ARG A 4 -1.49 -15.89 8.61
C ARG A 4 -0.30 -15.21 7.96
C ARG A 4 -0.38 -15.14 7.89
N THR A 5 0.28 -15.80 6.93
CA THR A 5 1.34 -15.15 6.16
C THR A 5 1.16 -15.52 4.70
N ILE A 6 1.06 -14.53 3.84
CA ILE A 6 1.16 -14.72 2.42
C ILE A 6 2.60 -14.45 2.03
N GLN A 7 3.26 -15.48 1.54
CA GLN A 7 4.60 -15.36 1.00
C GLN A 7 4.50 -14.93 -0.44
N LEU A 8 5.04 -13.77 -0.77
N LEU A 8 5.11 -13.78 -0.73
CA LEU A 8 4.95 -13.30 -2.12
CA LEU A 8 5.10 -13.19 -2.05
C LEU A 8 6.23 -13.67 -2.82
C LEU A 8 6.29 -13.71 -2.82
N PRO A 9 6.19 -13.77 -4.17
CA PRO A 9 7.39 -14.08 -4.91
C PRO A 9 8.40 -12.94 -4.83
N LYS A 10 9.65 -13.23 -5.12
N LYS A 10 9.64 -13.24 -5.15
CA LYS A 10 10.68 -12.20 -5.14
CA LYS A 10 10.71 -12.24 -5.22
C LYS A 10 10.32 -11.17 -6.19
C LYS A 10 10.32 -11.16 -6.23
N PRO A 11 10.40 -9.88 -5.86
CA PRO A 11 10.02 -8.87 -6.83
C PRO A 11 10.99 -8.85 -7.98
N ASP A 12 10.49 -8.60 -9.19
N ASP A 12 10.47 -8.57 -9.17
CA ASP A 12 11.34 -8.57 -10.38
CA ASP A 12 11.18 -8.58 -10.45
C ASP A 12 11.81 -7.15 -10.63
C ASP A 12 11.87 -7.22 -10.62
N ASN A 14 13.73 -5.78 -12.32
N ASN A 14 13.93 -6.54 -13.14
CA ASN A 14 14.08 -5.47 -13.73
CA ASN A 14 14.07 -6.27 -14.51
C ASN A 14 12.91 -5.55 -14.79
C ASN A 14 12.70 -6.02 -15.10
N ARG A 15 11.68 -5.65 -14.29
CA ARG A 15 10.38 -5.55 -14.97
C ARG A 15 10.35 -4.43 -16.01
N ALA A 16 9.77 -4.73 -17.16
CA ALA A 16 9.66 -3.78 -18.24
C ALA A 16 8.78 -2.55 -17.84
N GLY A 17 9.04 -1.43 -18.51
CA GLY A 17 8.26 -0.23 -18.27
C GLY A 17 9.16 0.95 -18.12
N LEU A 18 9.13 1.85 -19.12
N LEU A 18 9.18 1.85 -19.11
CA LEU A 18 9.89 3.11 -19.10
CA LEU A 18 10.04 3.04 -19.03
C LEU A 18 9.34 4.08 -18.04
C LEU A 18 9.39 4.15 -18.18
N LEU A 19 10.21 4.80 -17.36
CA LEU A 19 9.74 5.80 -16.41
C LEU A 19 9.08 6.92 -17.12
N LYS A 21 7.48 7.04 -19.93
CA LYS A 21 6.17 6.67 -20.38
C LYS A 21 5.20 6.53 -19.19
N ALA A 22 5.69 6.00 -18.07
CA ALA A 22 4.90 5.89 -16.83
C ALA A 22 4.42 7.26 -16.39
N LEU A 23 5.31 8.25 -16.44
CA LEU A 23 4.95 9.62 -16.14
C LEU A 23 3.89 10.14 -17.12
N SER A 24 4.08 9.88 -18.40
CA SER A 24 3.10 10.35 -19.38
C SER A 24 1.72 9.82 -19.17
N GLU A 25 1.64 8.58 -18.72
CA GLU A 25 0.37 7.86 -18.62
C GLU A 25 -0.20 7.82 -17.22
N ARG A 26 0.50 8.48 -16.32
CA ARG A 26 0.09 8.55 -14.92
C ARG A 26 -1.24 9.32 -14.82
N HIS A 27 -2.26 8.70 -14.23
CA HIS A 27 -3.57 9.29 -14.07
C HIS A 27 -4.40 8.53 -13.06
N SER A 28 -5.47 9.15 -12.55
CA SER A 28 -6.34 8.49 -11.58
C SER A 28 -7.42 7.73 -12.30
N THR A 29 -7.70 6.53 -11.82
CA THR A 29 -8.78 5.68 -12.35
C THR A 29 -9.61 5.16 -11.20
N ARG A 30 -10.96 5.26 -11.33
CA ARG A 30 -11.89 4.92 -10.27
C ARG A 30 -12.83 3.77 -10.66
N GLU A 31 -12.41 2.93 -11.59
CA GLU A 31 -13.13 1.74 -12.06
C GLU A 31 -12.08 0.67 -12.28
N TYR A 32 -12.43 -0.62 -12.08
CA TYR A 32 -11.44 -1.70 -11.98
C TYR A 32 -12.07 -2.94 -12.55
N ALA A 33 -11.24 -3.75 -13.19
CA ALA A 33 -11.59 -5.14 -13.45
C ALA A 33 -11.87 -5.85 -12.12
N SER A 34 -12.65 -6.92 -12.16
CA SER A 34 -12.99 -7.61 -10.91
C SER A 34 -11.87 -8.56 -10.47
N LYS A 35 -11.07 -9.05 -11.41
CA LYS A 35 -10.13 -10.11 -11.03
C LYS A 35 -9.00 -9.64 -10.08
N ALA A 36 -8.58 -10.56 -9.23
CA ALA A 36 -7.52 -10.30 -8.24
C ALA A 36 -6.19 -9.99 -8.98
N LEU A 37 -5.35 -9.17 -8.42
CA LEU A 37 -3.99 -9.02 -8.95
C LEU A 37 -3.25 -10.33 -8.81
N SER A 38 -2.41 -10.66 -9.80
CA SER A 38 -1.54 -11.83 -9.66
C SER A 38 -0.60 -11.57 -8.46
N ASN A 39 -0.06 -12.65 -7.89
CA ASN A 39 0.89 -12.44 -6.79
C ASN A 39 2.17 -11.79 -7.26
N THR A 40 2.50 -12.00 -8.51
CA THR A 40 3.67 -11.33 -9.13
C THR A 40 3.42 -9.84 -9.18
N ASP A 41 2.23 -9.43 -9.61
CA ASP A 41 1.95 -8.03 -9.70
C ASP A 41 1.85 -7.36 -8.33
N LEU A 42 1.25 -8.05 -7.38
CA LEU A 42 1.13 -7.50 -6.02
C LEU A 42 2.54 -7.37 -5.38
N SER A 43 3.41 -8.37 -5.62
CA SER A 43 4.75 -8.31 -5.09
C SER A 43 5.54 -7.15 -5.63
N ASP A 44 5.51 -7.02 -6.93
CA ASP A 44 6.27 -5.96 -7.61
C ASP A 44 5.72 -4.59 -7.18
N LEU A 45 4.39 -4.48 -7.06
CA LEU A 45 3.76 -3.25 -6.59
C LEU A 45 4.25 -2.82 -5.20
N LEU A 46 4.24 -3.75 -4.25
CA LEU A 46 4.65 -3.48 -2.86
C LEU A 46 6.12 -3.12 -2.76
N TRP A 47 6.96 -3.80 -3.51
CA TRP A 47 8.41 -3.50 -3.52
C TRP A 47 8.58 -2.11 -4.09
N ALA A 48 7.92 -1.82 -5.19
CA ALA A 48 8.01 -0.44 -5.75
C ALA A 48 7.59 0.61 -4.75
N ALA A 49 6.49 0.34 -4.06
CA ALA A 49 5.93 1.26 -3.10
C ALA A 49 6.95 1.62 -1.99
N ASN A 50 7.52 0.60 -1.36
CA ASN A 50 8.40 0.85 -0.22
C ASN A 50 9.28 -0.37 0.14
N GLY A 51 9.77 -1.03 -0.89
CA GLY A 51 10.61 -2.16 -0.71
C GLY A 51 12.01 -1.76 -0.30
N ILE A 52 12.79 -2.75 0.11
CA ILE A 52 14.23 -2.56 0.38
C ILE A 52 14.99 -2.64 -0.93
N ASN A 53 15.65 -1.53 -1.31
CA ASN A 53 16.47 -1.51 -2.51
C ASN A 53 17.98 -1.60 -2.27
N ARG A 54 18.38 -1.51 -1.02
CA ARG A 54 19.79 -1.66 -0.61
C ARG A 54 19.81 -2.57 0.61
N SER A 55 20.01 -3.86 0.38
CA SER A 55 19.87 -4.85 1.45
C SER A 55 20.80 -4.67 2.61
N SER A 56 22.06 -4.43 2.30
CA SER A 56 23.02 -4.31 3.38
C SER A 56 22.70 -3.15 4.30
N GLU A 57 22.14 -2.03 3.78
CA GLU A 57 21.80 -0.86 4.58
C GLU A 57 20.36 -0.85 5.12
N GLY A 58 19.51 -1.72 4.57
CA GLY A 58 18.10 -1.76 4.91
C GLY A 58 17.34 -0.53 4.41
N LYS A 59 17.86 0.15 3.38
CA LYS A 59 17.21 1.34 2.91
C LYS A 59 16.26 1.00 1.78
N ARG A 60 15.36 1.94 1.51
CA ARG A 60 14.11 1.71 0.77
C ARG A 60 13.99 2.46 -0.57
N THR A 61 13.02 2.02 -1.33
CA THR A 61 12.69 2.73 -2.59
C THR A 61 12.15 4.12 -2.32
N ALA A 62 11.45 4.28 -1.21
CA ALA A 62 10.90 5.56 -0.78
C ALA A 62 11.81 6.18 0.23
N PRO A 63 12.30 7.42 0.02
CA PRO A 63 13.00 8.10 1.10
C PRO A 63 12.04 8.44 2.26
N SER A 64 12.60 8.68 3.42
CA SER A 64 11.82 9.12 4.57
C SER A 64 12.64 10.08 5.40
N ALA A 65 11.93 10.88 6.16
CA ALA A 65 12.58 11.87 7.06
C ALA A 65 13.57 11.15 8.01
N ASN A 67 15.57 8.88 7.56
CA ASN A 67 15.55 7.42 7.33
C ASN A 67 14.78 6.70 8.41
N ARG A 68 13.73 7.35 8.94
CA ARG A 68 12.96 6.72 10.01
C ARG A 68 12.00 5.67 9.47
N GLN A 69 11.78 5.66 8.17
CA GLN A 69 10.95 4.61 7.55
C GLN A 69 9.60 4.43 8.23
N ASP A 70 8.89 5.53 8.39
CA ASP A 70 7.62 5.61 9.14
C ASP A 70 6.40 5.05 8.41
N ILE A 71 6.42 4.90 7.08
CA ILE A 71 5.22 4.48 6.34
C ILE A 71 5.11 2.94 6.28
N ASP A 72 4.05 2.44 6.89
CA ASP A 72 3.64 1.05 6.80
C ASP A 72 2.56 0.93 5.75
N ILE A 73 2.58 -0.17 5.02
CA ILE A 73 1.61 -0.44 3.98
C ILE A 73 0.76 -1.61 4.44
N TYR A 74 -0.51 -1.33 4.69
CA TYR A 74 -1.51 -2.33 4.96
C TYR A 74 -2.20 -2.66 3.64
N VAL A 75 -2.41 -3.94 3.45
CA VAL A 75 -2.97 -4.49 2.22
C VAL A 75 -4.32 -5.11 2.53
N VAL A 76 -5.35 -4.51 1.99
CA VAL A 76 -6.71 -4.86 2.30
C VAL A 76 -7.25 -5.69 1.15
N LEU A 77 -7.38 -7.00 1.38
CA LEU A 77 -7.88 -7.95 0.42
C LEU A 77 -9.24 -8.45 0.86
N PRO A 78 -10.00 -9.07 -0.08
CA PRO A 78 -11.30 -9.62 0.33
C PRO A 78 -11.26 -10.56 1.53
N GLN A 79 -10.22 -11.38 1.61
CA GLN A 79 -10.15 -12.40 2.65
C GLN A 79 -9.56 -11.92 3.98
N GLY A 80 -8.87 -10.80 3.94
CA GLY A 80 -8.27 -10.27 5.14
C GLY A 80 -7.38 -9.08 4.86
N THR A 81 -7.07 -8.36 5.94
CA THR A 81 -6.13 -7.24 5.92
C THR A 81 -4.78 -7.69 6.46
N TYR A 82 -3.74 -7.35 5.72
CA TYR A 82 -2.36 -7.77 5.97
C TYR A 82 -1.49 -6.51 6.11
N LEU A 83 -0.32 -6.73 6.69
CA LEU A 83 0.75 -5.72 6.81
C LEU A 83 1.93 -6.20 6.00
N TYR A 84 2.39 -5.37 5.08
CA TYR A 84 3.60 -5.64 4.28
C TYR A 84 4.86 -5.58 5.12
N ASP A 85 5.60 -6.67 5.05
CA ASP A 85 6.92 -6.82 5.63
C ASP A 85 7.96 -6.82 4.51
N ALA A 86 8.70 -5.73 4.39
CA ALA A 86 9.65 -5.60 3.29
C ALA A 86 10.87 -6.51 3.47
N LYS A 87 11.26 -6.76 4.72
CA LYS A 87 12.40 -7.63 5.00
C LYS A 87 12.17 -9.06 4.50
N GLY A 88 10.95 -9.59 4.56
CA GLY A 88 10.70 -10.93 3.96
C GLY A 88 9.90 -11.02 2.66
N HIS A 89 9.67 -9.90 1.97
N HIS A 89 9.65 -9.85 2.10
CA HIS A 89 8.66 -9.83 0.90
CA HIS A 89 8.68 -9.67 1.05
C HIS A 89 7.45 -10.70 1.19
C HIS A 89 7.48 -10.59 1.18
N LYS A 90 6.79 -10.38 2.30
CA LYS A 90 5.65 -11.16 2.71
C LYS A 90 4.61 -10.26 3.38
N LEU A 91 3.42 -10.82 3.55
CA LEU A 91 2.30 -10.13 4.14
C LEU A 91 1.87 -10.90 5.37
N ASN A 92 1.74 -10.19 6.50
CA ASN A 92 1.33 -10.78 7.78
C ASN A 92 -0.06 -10.40 8.15
N LEU A 93 -0.88 -11.36 8.53
CA LEU A 93 -2.29 -11.15 8.68
C LEU A 93 -2.53 -10.25 9.89
N ILE A 94 -3.39 -9.26 9.72
CA ILE A 94 -3.78 -8.35 10.82
C ILE A 94 -5.21 -8.63 11.28
N SER A 95 -6.12 -8.83 10.33
N SER A 95 -6.12 -8.70 10.30
CA SER A 95 -7.51 -9.05 10.68
CA SER A 95 -7.55 -8.89 10.48
C SER A 95 -8.27 -9.71 9.55
C SER A 95 -8.10 -9.88 9.46
N GLU A 96 -8.92 -10.82 9.88
CA GLU A 96 -9.71 -11.58 8.94
C GLU A 96 -10.87 -10.83 8.41
N GLY A 97 -11.28 -11.17 7.19
CA GLY A 97 -12.47 -10.59 6.61
C GLY A 97 -12.19 -9.41 5.73
N ASP A 98 -13.24 -8.94 5.06
CA ASP A 98 -13.12 -7.94 3.98
C ASP A 98 -13.35 -6.55 4.59
N HIS A 99 -12.32 -5.74 4.58
CA HIS A 99 -12.40 -4.40 5.17
C HIS A 99 -12.27 -3.30 4.12
N ARG A 100 -12.57 -3.63 2.86
CA ARG A 100 -12.56 -2.60 1.82
C ARG A 100 -13.51 -1.42 2.08
N SER A 101 -14.66 -1.68 2.72
N SER A 101 -14.66 -1.66 2.71
CA SER A 101 -15.57 -0.57 2.99
CA SER A 101 -15.56 -0.53 2.95
C SER A 101 -14.96 0.47 3.90
C SER A 101 -14.97 0.48 3.92
N ALA A 102 -14.11 0.06 4.83
CA ALA A 102 -13.44 0.98 5.74
C ALA A 102 -12.50 1.91 4.97
N VAL A 103 -11.85 1.37 3.94
CA VAL A 103 -10.99 2.17 3.07
C VAL A 103 -11.87 3.11 2.25
N ALA A 104 -13.02 2.58 1.81
CA ALA A 104 -13.89 3.33 0.89
C ALA A 104 -14.44 4.58 1.54
N GLY A 105 -14.80 4.46 2.80
CA GLY A 105 -15.49 5.56 3.43
C GLY A 105 -16.77 5.88 2.67
N GLY A 106 -16.94 7.15 2.33
CA GLY A 106 -18.12 7.56 1.56
C GLY A 106 -18.15 7.26 0.06
N GLN A 107 -17.05 6.72 -0.49
CA GLN A 107 -16.92 6.47 -1.93
C GLN A 107 -17.00 4.99 -2.24
N ALA A 108 -18.20 4.56 -2.59
CA ALA A 108 -18.46 3.15 -2.89
C ALA A 108 -17.64 2.51 -4.03
N PHE A 109 -17.13 3.32 -4.97
CA PHE A 109 -16.36 2.77 -6.07
C PHE A 109 -15.16 1.96 -5.55
N VAL A 110 -14.64 2.31 -4.38
CA VAL A 110 -13.45 1.69 -3.86
C VAL A 110 -13.61 0.21 -3.60
N ASN A 111 -14.81 -0.22 -3.24
CA ASN A 111 -15.06 -1.63 -3.02
C ASN A 111 -14.94 -2.46 -4.26
N ASN A 112 -14.94 -1.84 -5.42
CA ASN A 112 -14.77 -2.54 -6.70
C ASN A 112 -13.33 -2.96 -6.99
N ALA A 113 -12.35 -2.36 -6.33
CA ALA A 113 -10.96 -2.72 -6.56
C ALA A 113 -10.69 -4.00 -5.77
N PRO A 114 -9.95 -4.93 -6.38
CA PRO A 114 -9.67 -6.18 -5.69
C PRO A 114 -8.71 -6.03 -4.49
N VAL A 115 -7.99 -4.94 -4.40
CA VAL A 115 -7.09 -4.70 -3.30
C VAL A 115 -6.98 -3.21 -3.08
N SER A 116 -6.84 -2.80 -1.82
CA SER A 116 -6.47 -1.43 -1.49
C SER A 116 -5.22 -1.43 -0.62
N LEU A 117 -4.32 -0.50 -0.91
CA LEU A 117 -3.16 -0.28 -0.06
C LEU A 117 -3.42 0.94 0.82
N VAL A 118 -3.18 0.82 2.12
CA VAL A 118 -3.41 1.90 3.04
C VAL A 118 -2.05 2.31 3.60
N LEU A 119 -1.72 3.59 3.46
CA LEU A 119 -0.40 4.15 3.86
C LEU A 119 -0.61 4.83 5.21
N VAL A 120 0.02 4.25 6.22
CA VAL A 120 -0.19 4.63 7.61
C VAL A 120 1.18 5.05 8.15
N SER A 121 1.28 6.29 8.66
CA SER A 121 2.55 6.77 9.16
C SER A 121 2.61 6.44 10.66
N ASP A 122 3.66 5.77 11.10
N ASP A 122 3.67 5.74 11.07
CA ASP A 122 3.82 5.52 12.52
CA ASP A 122 4.04 5.48 12.47
C ASP A 122 4.54 6.71 13.10
C ASP A 122 4.59 6.79 13.01
N LEU A 123 3.77 7.69 13.56
CA LEU A 123 4.27 8.99 13.93
C LEU A 123 5.26 8.95 15.06
N SER A 124 5.20 7.94 15.89
N SER A 124 5.20 7.89 15.85
CA SER A 124 6.18 7.86 16.95
CA SER A 124 6.15 7.67 16.96
C SER A 124 7.58 7.65 16.41
C SER A 124 7.57 7.42 16.51
N LYS A 125 7.72 6.98 15.26
CA LYS A 125 9.04 6.81 14.67
C LYS A 125 9.66 8.17 14.31
N LEU A 126 8.84 9.23 14.23
CA LEU A 126 9.26 10.58 13.79
C LEU A 126 9.42 11.59 14.90
N GLY A 127 8.80 11.35 16.03
CA GLY A 127 8.79 12.31 17.13
C GLY A 127 7.48 12.25 17.87
N ASP A 128 7.05 13.39 18.38
CA ASP A 128 5.80 13.51 19.10
C ASP A 128 4.66 13.42 18.12
N ALA A 129 3.89 12.35 18.20
CA ALA A 129 2.71 12.11 17.35
C ALA A 129 1.67 13.25 17.37
N LYS A 130 1.63 14.02 18.46
CA LYS A 130 0.67 15.11 18.54
C LYS A 130 1.17 16.40 17.92
N SER A 131 2.42 16.43 17.49
CA SER A 131 3.03 17.64 16.93
C SER A 131 2.58 17.82 15.49
N ASN A 132 2.17 19.03 15.12
CA ASN A 132 1.79 19.28 13.73
C ASN A 132 2.97 19.11 12.78
N HIS A 133 4.15 19.56 13.21
CA HIS A 133 5.32 19.41 12.39
C HIS A 133 5.65 17.95 12.13
N VAL A 134 5.50 17.07 13.12
CA VAL A 134 5.71 15.65 12.94
C VAL A 134 4.69 15.09 11.93
N GLN A 135 3.44 15.51 12.05
CA GLN A 135 2.40 15.06 11.13
C GLN A 135 2.66 15.45 9.70
N LEU A 136 3.18 16.66 9.50
N LEU A 136 3.23 16.64 9.46
CA LEU A 136 3.51 17.16 8.18
CA LEU A 136 3.61 17.05 8.11
C LEU A 136 4.63 16.33 7.58
C LEU A 136 4.68 16.10 7.53
N GLY A 138 5.16 13.05 8.23
CA GLY A 138 4.52 11.82 7.89
C GLY A 138 3.70 11.91 6.62
N ALA A 139 3.05 13.04 6.47
CA ALA A 139 2.26 13.32 5.27
C ALA A 139 3.15 13.37 4.02
N ASP A 141 6.06 11.91 3.72
CA ASP A 141 6.52 10.55 3.53
C ASP A 141 5.46 9.68 2.88
N ALA A 142 4.20 9.89 3.21
CA ALA A 142 3.10 9.15 2.58
C ALA A 142 2.93 9.48 1.10
N GLY A 143 3.10 10.75 0.76
CA GLY A 143 3.01 11.16 -0.63
C GLY A 143 4.09 10.57 -1.48
N ILE A 144 5.29 10.46 -0.90
CA ILE A 144 6.42 9.80 -1.58
C ILE A 144 6.05 8.37 -1.96
N VAL A 145 5.56 7.60 -0.98
CA VAL A 145 5.15 6.23 -1.22
C VAL A 145 4.00 6.16 -2.24
N SER A 146 3.03 7.08 -2.10
CA SER A 146 1.91 7.13 -3.03
C SER A 146 2.37 7.24 -4.46
N GLN A 147 3.31 8.14 -4.72
CA GLN A 147 3.72 8.32 -6.11
C GLN A 147 4.53 7.13 -6.63
N ASN A 148 5.28 6.40 -5.80
CA ASN A 148 5.85 5.10 -6.20
C ASN A 148 4.75 4.19 -6.70
N ILE A 149 3.68 4.10 -5.94
CA ILE A 149 2.53 3.28 -6.35
C ILE A 149 1.92 3.76 -7.64
N SER A 150 1.61 5.05 -7.76
CA SER A 150 1.00 5.57 -8.97
C SER A 150 1.85 5.34 -10.21
N LEU A 151 3.17 5.50 -10.07
CA LEU A 151 4.06 5.29 -11.21
C LEU A 151 4.23 3.85 -11.60
N PHE A 152 4.31 2.99 -10.58
CA PHE A 152 4.34 1.57 -10.85
C PHE A 152 3.10 1.11 -11.58
N CYS A 153 1.94 1.56 -11.11
CA CYS A 153 0.69 1.22 -11.75
C CYS A 153 0.62 1.69 -13.20
N SER A 154 1.13 2.88 -13.48
CA SER A 154 1.14 3.38 -14.81
C SER A 154 2.03 2.50 -15.69
N ALA A 155 3.22 2.12 -15.19
CA ALA A 155 4.19 1.29 -15.96
C ALA A 155 3.61 -0.06 -16.18
N ALA A 156 2.91 -0.58 -15.16
CA ALA A 156 2.41 -1.99 -15.17
C ALA A 156 1.01 -2.13 -15.75
N ARG A 157 0.41 -1.01 -16.15
N ARG A 157 0.41 -1.03 -16.17
CA ARG A 157 -0.96 -1.00 -16.68
CA ARG A 157 -0.97 -1.02 -16.68
C ARG A 157 -1.97 -1.51 -15.64
C ARG A 157 -1.97 -1.53 -15.62
N LEU A 158 -1.87 -0.94 -14.43
CA LEU A 158 -2.83 -1.12 -13.36
C LEU A 158 -3.55 0.20 -13.09
N ALA A 159 -4.83 0.11 -12.80
CA ALA A 159 -5.68 1.25 -12.45
C ALA A 159 -5.51 1.60 -10.98
N THR A 160 -5.33 2.88 -10.65
CA THR A 160 -5.28 3.30 -9.27
C THR A 160 -5.66 4.76 -9.16
N VAL A 161 -5.95 5.16 -7.93
CA VAL A 161 -6.21 6.59 -7.59
C VAL A 161 -5.68 6.82 -6.17
N PRO A 162 -4.87 7.89 -5.97
CA PRO A 162 -4.43 8.28 -4.61
C PRO A 162 -5.62 8.93 -3.93
N ARG A 163 -5.85 8.50 -2.70
CA ARG A 163 -6.99 9.04 -1.94
C ARG A 163 -6.60 9.37 -0.55
N ALA A 164 -7.22 10.38 0.01
CA ALA A 164 -7.07 10.75 1.44
C ALA A 164 -8.33 10.36 2.23
N SER A 165 -9.44 10.06 1.56
CA SER A 165 -10.71 9.84 2.21
C SER A 165 -10.78 8.36 2.60
N ASP A 167 -12.98 5.80 6.13
CA ASP A 167 -13.76 5.85 7.40
C ASP A 167 -12.77 5.53 8.51
N LEU A 168 -12.28 6.57 9.17
CA LEU A 168 -11.20 6.37 10.11
C LEU A 168 -11.58 5.52 11.31
N VAL A 169 -12.82 5.61 11.77
CA VAL A 169 -13.19 4.77 12.92
C VAL A 169 -13.15 3.31 12.52
N ARG A 170 -13.76 2.98 11.40
CA ARG A 170 -13.82 1.58 10.99
C ARG A 170 -12.40 1.08 10.59
N LEU A 171 -11.59 1.98 10.01
N LEU A 171 -11.62 1.98 9.97
CA LEU A 171 -10.25 1.60 9.56
CA LEU A 171 -10.33 1.59 9.41
C LEU A 171 -9.31 1.37 10.74
C LEU A 171 -9.36 1.29 10.53
N LYS A 172 -9.34 2.27 11.72
N LYS A 172 -9.40 2.08 11.60
CA LYS A 172 -8.55 2.04 12.93
CA LYS A 172 -8.49 1.91 12.73
C LYS A 172 -8.83 0.65 13.47
C LYS A 172 -8.84 0.66 13.56
N ALA A 173 -10.11 0.31 13.60
CA ALA A 173 -10.48 -0.99 14.12
C ALA A 173 -9.98 -2.12 13.25
N ALA A 174 -10.23 -2.03 11.95
CA ALA A 174 -9.87 -3.09 11.01
C ALA A 174 -8.36 -3.36 10.94
N LEU A 175 -7.55 -2.30 11.04
CA LEU A 175 -6.08 -2.42 10.89
C LEU A 175 -5.40 -2.54 12.27
N LYS A 176 -6.19 -2.50 13.34
CA LYS A 176 -5.73 -2.60 14.73
C LYS A 176 -4.66 -1.56 15.03
N LEU A 177 -4.94 -0.32 14.66
CA LEU A 177 -3.94 0.76 14.71
C LEU A 177 -3.80 1.32 16.12
N LYS A 178 -2.57 1.64 16.48
CA LYS A 178 -2.33 2.39 17.71
C LYS A 178 -2.67 3.83 17.49
N ASP A 179 -2.87 4.54 18.60
CA ASP A 179 -3.20 5.96 18.55
C ASP A 179 -2.12 6.80 17.87
N THR A 180 -0.89 6.33 17.90
CA THR A 180 0.21 7.04 17.24
C THR A 180 0.42 6.71 15.77
N GLN A 181 -0.41 5.83 15.21
CA GLN A 181 -0.38 5.50 13.79
C GLN A 181 -1.46 6.29 13.12
N PRO A 183 -3.39 6.99 9.62
CA PRO A 183 -3.63 6.72 8.22
C PRO A 183 -3.56 8.02 7.41
N ASN A 186 -4.70 6.24 0.82
CA ASN A 186 -4.93 4.88 0.37
C ASN A 186 -4.99 4.84 -1.14
N HIS A 187 -4.76 3.65 -1.71
CA HIS A 187 -4.76 3.39 -3.12
C HIS A 187 -5.55 2.12 -3.39
N PRO A 188 -6.77 2.25 -3.90
CA PRO A 188 -7.42 1.10 -4.57
C PRO A 188 -6.59 0.79 -5.82
N VAL A 189 -6.33 -0.51 -6.10
CA VAL A 189 -5.59 -0.93 -7.26
C VAL A 189 -6.32 -2.11 -7.88
N GLY A 190 -6.32 -2.12 -9.20
CA GLY A 190 -6.82 -3.22 -9.99
C GLY A 190 -6.32 -3.20 -11.40
N TYR A 191 -6.63 -4.23 -12.18
CA TYR A 191 -6.45 -4.12 -13.63
C TYR A 191 -7.48 -3.16 -14.20
N PHE A 192 -7.16 -2.60 -15.36
CA PHE A 192 -8.13 -1.80 -16.09
C PHE A 192 -9.28 -2.65 -16.50
N LYS A 193 -10.49 -2.08 -16.47
N LYS A 193 -10.47 -2.09 -16.36
CA LYS A 193 -11.67 -2.85 -16.92
CA LYS A 193 -11.66 -2.81 -16.71
C LYS A 193 -11.70 -2.99 -18.46
C LYS A 193 -11.60 -3.28 -18.17
#